data_2XHF
#
_entry.id   2XHF
#
_cell.length_a   39.540
_cell.length_b   92.920
_cell.length_c   49.340
_cell.angle_alpha   90.00
_cell.angle_beta   109.55
_cell.angle_gamma   90.00
#
_symmetry.space_group_name_H-M   'P 1 21 1'
#
loop_
_entity.id
_entity.type
_entity.pdbx_description
1 polymer 'PEROXIREDOXIN 5'
2 water water
#
_entity_poly.entity_id   1
_entity_poly.type   'polypeptide(L)'
_entity_poly.pdbx_seq_one_letter_code
;MRGSHHHHHHGSPIKVGDIIPDVLVYEDVPSKSFPIHDVFRGRKGILFSVVGAFVPGSNNHIPEYLSLYDKFKEEGYHTI
ACIAVNDPFVMAAWGKTVDPEHKIRMLADMHGEFTRALGTELDSSKMLGNNRSRRYAMLIDDNKIRSVSTEPDITGLACL
LSIQRQKENKT
;
_entity_poly.pdbx_strand_id   A,B
#
# COMPACT_ATOMS: atom_id res chain seq x y z
N GLY A 11 1.81 -7.45 -22.84
CA GLY A 11 2.48 -8.74 -22.78
C GLY A 11 1.68 -9.85 -23.43
N SER A 12 2.34 -10.64 -24.27
CA SER A 12 1.67 -11.73 -24.96
C SER A 12 1.35 -12.88 -24.00
N PRO A 13 0.41 -13.75 -24.40
CA PRO A 13 0.09 -14.93 -23.59
C PRO A 13 1.35 -15.66 -23.15
N ILE A 14 1.49 -15.81 -21.85
CA ILE A 14 2.63 -16.49 -21.25
C ILE A 14 2.68 -17.91 -21.78
N LYS A 15 3.87 -18.52 -21.77
CA LYS A 15 4.01 -19.85 -22.36
C LYS A 15 5.19 -20.62 -21.77
N VAL A 16 5.00 -21.92 -21.53
CA VAL A 16 6.08 -22.74 -21.00
C VAL A 16 7.33 -22.64 -21.89
N GLY A 17 8.48 -22.40 -21.28
CA GLY A 17 9.72 -22.28 -22.02
C GLY A 17 10.17 -20.84 -22.15
N ASP A 18 9.23 -19.91 -21.99
CA ASP A 18 9.56 -18.48 -22.05
C ASP A 18 10.47 -18.07 -20.89
N ILE A 19 11.37 -17.12 -21.17
CA ILE A 19 12.14 -16.45 -20.13
C ILE A 19 11.26 -15.36 -19.54
N ILE A 20 11.16 -15.31 -18.22
CA ILE A 20 10.33 -14.25 -17.61
C ILE A 20 10.90 -12.87 -17.91
N PRO A 21 10.04 -11.84 -17.94
CA PRO A 21 10.53 -10.47 -18.19
C PRO A 21 11.65 -10.09 -17.24
N ASP A 22 12.67 -9.48 -17.81
CA ASP A 22 13.88 -9.11 -17.12
C ASP A 22 13.71 -7.66 -16.68
N VAL A 23 12.95 -7.45 -15.60
CA VAL A 23 12.71 -6.10 -15.12
C VAL A 23 13.07 -5.97 -13.66
N LEU A 24 13.29 -4.73 -13.22
CA LEU A 24 13.59 -4.44 -11.82
C LEU A 24 12.37 -4.58 -10.94
N VAL A 25 12.56 -5.22 -9.79
CA VAL A 25 11.57 -5.23 -8.75
C VAL A 25 12.19 -4.71 -7.47
N TYR A 26 11.34 -4.42 -6.50
CA TYR A 26 11.78 -3.79 -5.26
C TYR A 26 11.49 -4.71 -4.10
N GLU A 27 12.28 -4.63 -3.04
CA GLU A 27 12.05 -5.45 -1.87
C GLU A 27 12.46 -4.63 -0.65
N ASP A 28 11.56 -4.56 0.33
CA ASP A 28 11.78 -3.84 1.60
C ASP A 28 11.75 -2.31 1.52
N VAL A 29 12.61 -1.74 0.70
CA VAL A 29 12.70 -0.28 0.58
C VAL A 29 12.96 0.09 -0.87
N PRO A 30 12.58 1.31 -1.28
CA PRO A 30 12.70 1.68 -2.69
C PRO A 30 14.13 1.69 -3.21
N SER A 31 15.10 1.89 -2.31
CA SER A 31 16.51 1.88 -2.72
C SER A 31 17.04 0.46 -3.01
N LYS A 32 16.30 -0.56 -2.56
CA LYS A 32 16.69 -1.95 -2.81
C LYS A 32 15.92 -2.49 -3.99
N SER A 33 16.50 -2.35 -5.16
CA SER A 33 15.90 -2.90 -6.37
C SER A 33 16.91 -3.72 -7.14
N PHE A 34 16.41 -4.67 -7.88
CA PHE A 34 17.27 -5.61 -8.57
C PHE A 34 16.44 -6.32 -9.63
N PRO A 35 17.10 -6.84 -10.66
CA PRO A 35 16.33 -7.61 -11.65
C PRO A 35 15.70 -8.82 -11.01
N ILE A 36 14.45 -9.08 -11.36
CA ILE A 36 13.79 -10.27 -10.86
C ILE A 36 14.56 -11.54 -11.24
N HIS A 37 15.29 -11.50 -12.35
CA HIS A 37 16.14 -12.63 -12.72
C HIS A 37 17.11 -13.06 -11.62
N ASP A 38 17.49 -12.13 -10.73
CA ASP A 38 18.38 -12.50 -9.64
C ASP A 38 17.75 -13.55 -8.74
N VAL A 39 16.43 -13.53 -8.64
CA VAL A 39 15.77 -14.40 -7.67
C VAL A 39 15.84 -15.86 -8.11
N PHE A 40 15.74 -16.11 -9.42
CA PHE A 40 15.63 -17.48 -9.93
C PHE A 40 16.82 -17.90 -10.79
N ARG A 41 17.84 -17.08 -10.90
CA ARG A 41 19.02 -17.45 -11.69
C ARG A 41 19.64 -18.71 -11.12
N GLY A 42 19.84 -19.70 -11.98
CA GLY A 42 20.55 -20.92 -11.62
C GLY A 42 19.83 -21.81 -10.63
N ARG A 43 18.52 -21.58 -10.44
CA ARG A 43 17.77 -22.41 -9.51
C ARG A 43 16.30 -22.54 -9.91
N LYS A 44 15.60 -23.42 -9.21
CA LYS A 44 14.16 -23.59 -9.39
C LYS A 44 13.42 -22.81 -8.32
N GLY A 45 12.19 -22.40 -8.62
CA GLY A 45 11.40 -21.73 -7.62
C GLY A 45 9.98 -21.50 -8.08
N ILE A 46 9.23 -20.84 -7.22
CA ILE A 46 7.83 -20.54 -7.42
C ILE A 46 7.65 -19.04 -7.40
N LEU A 47 6.89 -18.52 -8.36
CA LEU A 47 6.48 -17.13 -8.39
C LEU A 47 4.97 -17.05 -8.47
N PHE A 48 4.34 -16.40 -7.50
CA PHE A 48 2.90 -16.23 -7.54
C PHE A 48 2.55 -14.80 -7.21
N SER A 49 1.40 -14.36 -7.70
CA SER A 49 0.96 -12.99 -7.50
C SER A 49 -0.24 -12.86 -6.56
N VAL A 50 -0.36 -11.67 -5.98
CA VAL A 50 -1.59 -11.25 -5.34
C VAL A 50 -2.00 -9.90 -5.91
N VAL A 51 -3.29 -9.57 -5.76
CA VAL A 51 -3.81 -8.30 -6.26
C VAL A 51 -3.21 -7.13 -5.48
N GLY A 52 -3.03 -7.32 -4.19
CA GLY A 52 -2.35 -6.30 -3.41
C GLY A 52 -2.19 -6.68 -1.97
N ALA A 53 -1.17 -6.11 -1.35
CA ALA A 53 -0.99 -6.23 0.09
C ALA A 53 -2.27 -5.73 0.76
N PHE A 54 -2.75 -6.50 1.74
CA PHE A 54 -3.94 -6.16 2.56
C PHE A 54 -5.27 -6.18 1.80
N VAL A 55 -5.24 -6.57 0.53
CA VAL A 55 -6.49 -6.69 -0.24
C VAL A 55 -7.15 -8.03 0.09
N PRO A 56 -8.46 -8.01 0.36
CA PRO A 56 -9.09 -9.29 0.72
C PRO A 56 -8.83 -10.35 -0.35
N GLY A 57 -8.49 -11.55 0.10
CA GLY A 57 -8.08 -12.63 -0.80
C GLY A 57 -6.58 -12.81 -0.89
N SER A 58 -5.81 -11.76 -0.60
CA SER A 58 -4.36 -11.82 -0.76
C SER A 58 -3.71 -12.82 0.20
N ASN A 59 -4.38 -13.19 1.29
CA ASN A 59 -3.87 -14.21 2.20
C ASN A 59 -4.60 -15.54 2.09
N ASN A 60 -5.28 -15.77 0.98
CA ASN A 60 -6.05 -17.01 0.84
C ASN A 60 -5.15 -18.23 0.63
N HIS A 61 -4.00 -18.02 0.00
CA HIS A 61 -3.16 -19.14 -0.43
C HIS A 61 -1.83 -19.22 0.26
N ILE A 62 -1.36 -18.10 0.79
CA ILE A 62 -0.10 -18.09 1.50
C ILE A 62 0.00 -19.16 2.60
N PRO A 63 -1.06 -19.33 3.42
CA PRO A 63 -0.95 -20.36 4.46
C PRO A 63 -0.62 -21.74 3.92
N GLU A 64 -1.17 -22.13 2.77
CA GLU A 64 -0.87 -23.45 2.21
C GLU A 64 0.53 -23.52 1.63
N TYR A 65 0.99 -22.45 0.97
CA TYR A 65 2.39 -22.38 0.54
C TYR A 65 3.31 -22.58 1.74
N LEU A 66 3.03 -21.88 2.84
CA LEU A 66 3.91 -21.97 4.00
C LEU A 66 3.91 -23.39 4.56
N SER A 67 2.74 -24.00 4.58
CA SER A 67 2.62 -25.35 5.15
C SER A 67 3.40 -26.37 4.30
N LEU A 68 3.52 -26.10 3.00
CA LEU A 68 4.20 -27.00 2.08
C LEU A 68 5.66 -26.67 1.84
N TYR A 69 6.19 -25.71 2.59
CA TYR A 69 7.57 -25.25 2.36
C TYR A 69 8.59 -26.39 2.29
N ASP A 70 8.56 -27.31 3.24
CA ASP A 70 9.56 -28.39 3.22
C ASP A 70 9.34 -29.37 2.04
N LYS A 71 8.10 -29.53 1.59
CA LYS A 71 7.84 -30.32 0.39
C LYS A 71 8.40 -29.66 -0.87
N PHE A 72 8.24 -28.35 -0.98
CA PHE A 72 8.81 -27.61 -2.09
C PHE A 72 10.33 -27.73 -2.03
N LYS A 73 10.87 -27.54 -0.84
CA LYS A 73 12.30 -27.60 -0.63
C LYS A 73 12.91 -28.98 -0.97
N GLU A 74 12.17 -30.06 -0.72
CA GLU A 74 12.62 -31.43 -1.07
C GLU A 74 12.92 -31.56 -2.55
N GLU A 75 12.19 -30.79 -3.36
CA GLU A 75 12.32 -30.86 -4.80
C GLU A 75 13.17 -29.75 -5.42
N GLY A 76 13.83 -28.95 -4.58
CA GLY A 76 14.67 -27.86 -5.04
C GLY A 76 13.91 -26.56 -5.32
N TYR A 77 12.69 -26.44 -4.79
CA TYR A 77 11.85 -25.26 -4.98
C TYR A 77 11.66 -24.48 -3.69
N HIS A 78 12.72 -24.31 -2.90
CA HIS A 78 12.55 -23.57 -1.65
C HIS A 78 12.45 -22.07 -1.89
N THR A 79 12.85 -21.62 -3.08
CA THR A 79 12.76 -20.21 -3.44
C THR A 79 11.36 -19.90 -3.92
N ILE A 80 10.61 -19.17 -3.09
CA ILE A 80 9.22 -18.84 -3.34
C ILE A 80 9.10 -17.34 -3.22
N ALA A 81 8.49 -16.73 -4.24
CA ALA A 81 8.31 -15.30 -4.26
C ALA A 81 6.86 -14.95 -4.54
N CYS A 82 6.36 -13.97 -3.79
CA CYS A 82 5.06 -13.38 -3.99
C CYS A 82 5.27 -12.00 -4.56
N ILE A 83 4.57 -11.67 -5.65
CA ILE A 83 4.73 -10.40 -6.30
C ILE A 83 3.39 -9.66 -6.34
N ALA A 84 3.43 -8.36 -6.10
CA ALA A 84 2.25 -7.51 -6.15
C ALA A 84 2.63 -6.12 -6.62
N VAL A 85 1.66 -5.42 -7.20
CA VAL A 85 1.84 -4.04 -7.58
C VAL A 85 1.53 -3.22 -6.32
N ASN A 86 2.59 -2.89 -5.61
CA ASN A 86 2.59 -2.12 -4.36
C ASN A 86 3.97 -1.51 -4.22
N ASP A 87 4.07 -0.50 -3.37
CA ASP A 87 5.38 -0.01 -2.97
C ASP A 87 5.99 -0.99 -1.97
N PRO A 88 7.32 -1.01 -1.87
CA PRO A 88 7.95 -2.03 -1.02
C PRO A 88 7.77 -1.83 0.47
N PHE A 89 7.49 -0.62 0.95
CA PHE A 89 7.24 -0.45 2.39
C PHE A 89 5.96 -1.20 2.76
N VAL A 90 4.92 -0.99 1.96
CA VAL A 90 3.66 -1.64 2.20
C VAL A 90 3.81 -3.15 2.02
N MET A 91 4.49 -3.55 0.95
CA MET A 91 4.63 -4.98 0.68
C MET A 91 5.38 -5.70 1.80
N ALA A 92 6.46 -5.10 2.29
CA ALA A 92 7.26 -5.73 3.33
C ALA A 92 6.48 -5.82 4.65
N ALA A 93 5.73 -4.77 4.99
CA ALA A 93 4.98 -4.75 6.25
C ALA A 93 3.93 -5.85 6.17
N TRP A 94 3.26 -5.92 5.03
CA TRP A 94 2.25 -6.95 4.82
C TRP A 94 2.84 -8.36 4.94
N GLY A 95 3.98 -8.59 4.28
CA GLY A 95 4.63 -9.88 4.29
C GLY A 95 4.92 -10.33 5.71
N LYS A 96 5.35 -9.42 6.58
CA LYS A 96 5.64 -9.79 7.97
C LYS A 96 4.38 -10.26 8.71
N THR A 97 3.21 -9.75 8.32
CA THR A 97 1.98 -10.16 8.98
C THR A 97 1.47 -11.52 8.53
N VAL A 98 1.74 -11.87 7.27
CA VAL A 98 1.26 -13.13 6.73
C VAL A 98 2.33 -14.23 6.71
N ASP A 99 3.60 -13.87 6.89
CA ASP A 99 4.72 -14.80 6.77
C ASP A 99 5.81 -14.41 7.76
N PRO A 100 5.54 -14.61 9.06
CA PRO A 100 6.47 -14.16 10.09
C PRO A 100 7.83 -14.85 10.03
N GLU A 101 7.92 -16.02 9.40
CA GLU A 101 9.21 -16.74 9.31
C GLU A 101 9.95 -16.40 8.01
N HIS A 102 9.38 -15.48 7.24
CA HIS A 102 10.01 -14.98 6.02
C HIS A 102 10.44 -16.10 5.09
N LYS A 103 9.53 -17.04 4.87
CA LYS A 103 9.77 -18.09 3.90
C LYS A 103 9.57 -17.66 2.48
N ILE A 104 8.88 -16.54 2.27
CA ILE A 104 8.52 -16.09 0.93
C ILE A 104 9.13 -14.71 0.68
N ARG A 105 9.81 -14.57 -0.46
CA ARG A 105 10.34 -13.28 -0.87
C ARG A 105 9.17 -12.40 -1.32
N MET A 106 9.11 -11.20 -0.78
CA MET A 106 8.01 -10.28 -1.06
C MET A 106 8.49 -9.23 -2.03
N LEU A 107 8.11 -9.42 -3.29
CA LEU A 107 8.56 -8.60 -4.39
C LEU A 107 7.51 -7.56 -4.77
N ALA A 108 7.92 -6.30 -4.75
CA ALA A 108 7.05 -5.18 -5.08
C ALA A 108 7.29 -4.75 -6.51
N ASP A 109 6.32 -5.05 -7.37
CA ASP A 109 6.33 -4.60 -8.78
C ASP A 109 5.75 -3.19 -8.80
N MET A 110 6.51 -2.27 -8.25
CA MET A 110 5.94 -1.01 -7.80
C MET A 110 5.34 -0.17 -8.93
N HIS A 111 5.98 -0.20 -10.10
CA HIS A 111 5.51 0.56 -11.25
C HIS A 111 4.58 -0.27 -12.12
N GLY A 112 4.33 -1.52 -11.73
CA GLY A 112 3.56 -2.44 -12.53
C GLY A 112 4.28 -2.89 -13.80
N GLU A 113 5.58 -2.70 -13.85
CA GLU A 113 6.32 -3.00 -15.07
C GLU A 113 6.36 -4.50 -15.37
N PHE A 114 6.58 -5.33 -14.35
CA PHE A 114 6.64 -6.77 -14.55
C PHE A 114 5.29 -7.30 -14.98
N THR A 115 4.26 -6.82 -14.30
CA THR A 115 2.89 -7.22 -14.58
C THR A 115 2.50 -6.87 -16.02
N ARG A 116 2.85 -5.66 -16.46
CA ARG A 116 2.54 -5.27 -17.83
C ARG A 116 3.33 -6.12 -18.83
N ALA A 117 4.60 -6.39 -18.52
CA ALA A 117 5.44 -7.13 -19.44
C ALA A 117 4.93 -8.56 -19.56
N LEU A 118 4.40 -9.08 -18.46
CA LEU A 118 3.90 -10.44 -18.42
C LEU A 118 2.51 -10.52 -19.06
N GLY A 119 1.83 -9.38 -19.17
CA GLY A 119 0.50 -9.33 -19.73
C GLY A 119 -0.62 -9.67 -18.75
N THR A 120 -0.38 -9.44 -17.46
CA THR A 120 -1.31 -9.90 -16.44
C THR A 120 -1.97 -8.72 -15.71
N GLU A 121 -2.03 -7.58 -16.36
CA GLU A 121 -2.72 -6.43 -15.81
C GLU A 121 -4.21 -6.69 -15.58
N LEU A 122 -4.67 -6.19 -14.43
CA LEU A 122 -6.07 -6.21 -14.03
C LEU A 122 -6.60 -4.80 -14.21
N ASP A 123 -7.84 -4.69 -14.68
CA ASP A 123 -8.52 -3.41 -14.79
C ASP A 123 -9.10 -3.06 -13.42
N SER A 124 -8.29 -2.49 -12.54
CA SER A 124 -8.68 -2.31 -11.14
C SER A 124 -8.63 -0.88 -10.63
N SER A 125 -8.44 0.08 -11.51
CA SER A 125 -8.24 1.48 -11.13
C SER A 125 -9.38 2.06 -10.32
N LYS A 126 -10.61 1.67 -10.64
CA LYS A 126 -11.78 2.19 -9.94
C LYS A 126 -11.81 1.71 -8.50
N MET A 127 -11.37 0.48 -8.29
CA MET A 127 -11.43 -0.14 -6.96
C MET A 127 -10.20 0.21 -6.11
N LEU A 128 -9.03 0.32 -6.74
CA LEU A 128 -7.76 0.31 -6.01
C LEU A 128 -6.80 1.42 -6.43
N GLY A 129 -7.23 2.25 -7.38
CA GLY A 129 -6.49 3.45 -7.75
C GLY A 129 -5.58 3.27 -8.97
N ASN A 130 -5.17 2.04 -9.20
CA ASN A 130 -4.28 1.71 -10.31
C ASN A 130 -4.52 0.25 -10.71
N ASN A 131 -3.84 -0.19 -11.77
CA ASN A 131 -4.01 -1.53 -12.28
C ASN A 131 -3.07 -2.47 -11.57
N ARG A 132 -3.63 -3.52 -11.01
CA ARG A 132 -2.89 -4.49 -10.25
C ARG A 132 -2.69 -5.70 -11.12
N SER A 133 -2.15 -6.76 -10.55
CA SER A 133 -1.94 -7.98 -11.29
C SER A 133 -3.08 -8.95 -11.07
N ARG A 134 -3.43 -9.68 -12.12
CA ARG A 134 -4.25 -10.87 -11.98
C ARG A 134 -3.47 -11.91 -11.23
N ARG A 135 -4.16 -12.91 -10.69
CA ARG A 135 -3.54 -13.97 -9.94
C ARG A 135 -3.02 -15.07 -10.85
N TYR A 136 -1.75 -15.43 -10.63
CA TYR A 136 -1.14 -16.59 -11.29
C TYR A 136 -0.15 -17.25 -10.33
N ALA A 137 0.26 -18.45 -10.69
CA ALA A 137 1.35 -19.14 -9.99
C ALA A 137 2.16 -19.88 -11.05
N MET A 138 3.48 -19.71 -11.01
CA MET A 138 4.35 -20.32 -12.01
C MET A 138 5.49 -21.02 -11.35
N LEU A 139 5.91 -22.11 -11.97
CA LEU A 139 7.16 -22.76 -11.63
C LEU A 139 8.23 -22.20 -12.55
N ILE A 140 9.37 -21.83 -11.97
CA ILE A 140 10.45 -21.23 -12.69
C ILE A 140 11.70 -22.10 -12.53
N ASP A 141 12.51 -22.16 -13.57
CA ASP A 141 13.80 -22.85 -13.54
C ASP A 141 14.80 -21.98 -14.29
N ASP A 142 15.71 -21.35 -13.54
CA ASP A 142 16.75 -20.50 -14.16
C ASP A 142 16.07 -19.47 -15.06
N ASN A 143 15.04 -18.86 -14.52
CA ASN A 143 14.27 -17.79 -15.15
C ASN A 143 13.40 -18.16 -16.33
N LYS A 144 13.28 -19.46 -16.58
CA LYS A 144 12.39 -19.96 -17.61
C LYS A 144 11.12 -20.52 -16.97
N ILE A 145 9.98 -20.34 -17.62
CA ILE A 145 8.72 -20.85 -17.09
C ILE A 145 8.61 -22.35 -17.37
N ARG A 146 8.45 -23.14 -16.31
CA ARG A 146 8.24 -24.58 -16.45
C ARG A 146 6.77 -24.98 -16.39
N SER A 147 5.98 -24.15 -15.72
CA SER A 147 4.54 -24.40 -15.55
C SER A 147 3.81 -23.10 -15.24
N VAL A 148 2.58 -22.95 -15.75
CA VAL A 148 1.75 -21.79 -15.46
C VAL A 148 0.33 -22.16 -15.09
N SER A 149 -0.15 -21.53 -14.02
CA SER A 149 -1.51 -21.72 -13.52
C SER A 149 -2.19 -20.39 -13.22
N THR A 150 -3.52 -20.38 -13.37
CA THR A 150 -4.37 -19.27 -12.97
C THR A 150 -5.57 -19.79 -12.18
N GLU A 151 -6.44 -18.89 -11.73
CA GLU A 151 -7.63 -19.29 -10.97
C GLU A 151 -8.34 -20.45 -11.68
N PRO A 152 -8.77 -21.46 -10.92
CA PRO A 152 -8.65 -21.58 -9.47
C PRO A 152 -7.44 -22.40 -9.01
N ASP A 153 -6.60 -22.82 -9.96
CA ASP A 153 -5.43 -23.66 -9.65
C ASP A 153 -4.25 -22.90 -9.07
N ILE A 154 -4.50 -22.03 -8.10
CA ILE A 154 -3.41 -21.21 -7.52
C ILE A 154 -3.27 -21.48 -6.02
N THR A 155 -3.64 -22.68 -5.59
CA THR A 155 -3.48 -23.06 -4.19
C THR A 155 -2.08 -23.61 -3.96
N GLY A 156 -1.72 -23.83 -2.69
CA GLY A 156 -0.43 -24.45 -2.42
C GLY A 156 -0.33 -25.83 -3.04
N LEU A 157 -1.38 -26.60 -2.84
CA LEU A 157 -1.47 -27.96 -3.35
C LEU A 157 -1.27 -27.99 -4.86
N ALA A 158 -1.96 -27.10 -5.54
CA ALA A 158 -1.88 -27.08 -7.00
C ALA A 158 -0.40 -26.98 -7.36
N CYS A 159 0.29 -26.14 -6.61
CA CYS A 159 1.69 -25.92 -6.86
C CYS A 159 2.56 -27.19 -6.68
N LEU A 160 2.33 -27.90 -5.59
CA LEU A 160 3.11 -29.10 -5.31
C LEU A 160 2.92 -30.22 -6.35
N LEU A 161 1.69 -30.43 -6.80
CA LEU A 161 1.43 -31.53 -7.73
C LEU A 161 2.16 -31.30 -9.04
N SER A 162 2.25 -30.05 -9.48
CA SER A 162 2.97 -29.73 -10.71
C SER A 162 4.45 -30.02 -10.54
N ILE A 163 4.99 -29.61 -9.41
CA ILE A 163 6.37 -29.92 -9.11
C ILE A 163 6.60 -31.43 -9.19
N GLN A 164 5.72 -32.21 -8.57
CA GLN A 164 5.93 -33.66 -8.52
C GLN A 164 5.82 -34.35 -9.88
N ARG A 165 5.02 -33.80 -10.80
CA ARG A 165 4.92 -34.34 -12.15
C ARG A 165 6.30 -34.35 -12.83
N GLN A 166 7.15 -33.43 -12.42
CA GLN A 166 8.50 -33.38 -12.96
C GLN A 166 9.30 -34.55 -12.39
N PRO B 13 0.11 28.59 -2.99
CA PRO B 13 -0.44 27.35 -2.44
C PRO B 13 -1.65 27.61 -1.56
N ILE B 14 -2.05 26.58 -0.81
CA ILE B 14 -3.15 26.66 0.16
C ILE B 14 -3.05 27.90 1.02
N LYS B 15 -4.18 28.58 1.26
CA LYS B 15 -4.19 29.75 2.12
C LYS B 15 -5.28 29.64 3.20
N VAL B 16 -4.96 30.16 4.38
CA VAL B 16 -5.97 30.35 5.43
C VAL B 16 -7.18 31.08 4.86
N GLY B 17 -8.36 30.54 5.11
CA GLY B 17 -9.59 31.12 4.64
C GLY B 17 -10.15 30.42 3.42
N ASP B 18 -9.32 29.63 2.75
CA ASP B 18 -9.77 28.87 1.60
C ASP B 18 -10.60 27.66 2.03
N ILE B 19 -11.50 27.22 1.16
CA ILE B 19 -12.26 26.00 1.41
C ILE B 19 -11.47 24.81 0.86
N ILE B 20 -11.39 23.72 1.62
CA ILE B 20 -10.68 22.55 1.11
C ILE B 20 -11.41 21.97 -0.10
N PRO B 21 -10.67 21.30 -1.00
CA PRO B 21 -11.31 20.69 -2.16
C PRO B 21 -12.48 19.77 -1.80
N ASP B 22 -13.59 19.91 -2.53
CA ASP B 22 -14.82 19.11 -2.34
C ASP B 22 -14.73 17.91 -3.28
N VAL B 23 -14.00 16.87 -2.86
CA VAL B 23 -13.81 15.66 -3.65
C VAL B 23 -14.04 14.40 -2.79
N LEU B 24 -14.27 13.27 -3.45
CA LEU B 24 -14.46 12.01 -2.73
C LEU B 24 -13.16 11.50 -2.15
N VAL B 25 -13.26 10.95 -0.96
CA VAL B 25 -12.20 10.12 -0.40
C VAL B 25 -12.83 8.80 0.06
N TYR B 26 -11.95 7.86 0.41
CA TYR B 26 -12.34 6.49 0.73
C TYR B 26 -11.92 6.18 2.15
N GLU B 27 -12.59 5.22 2.73
CA GLU B 27 -12.28 4.83 4.11
C GLU B 27 -12.64 3.36 4.27
N ASP B 28 -11.70 2.58 4.80
CA ASP B 28 -11.89 1.12 5.05
C ASP B 28 -11.91 0.24 3.79
N VAL B 29 -12.85 0.48 2.89
CA VAL B 29 -13.03 -0.35 1.70
C VAL B 29 -13.41 0.54 0.54
N PRO B 30 -13.17 0.08 -0.69
CA PRO B 30 -13.41 0.91 -1.86
C PRO B 30 -14.86 1.36 -2.02
N SER B 31 -15.81 0.58 -1.53
CA SER B 31 -17.21 0.93 -1.69
C SER B 31 -17.65 1.97 -0.68
N LYS B 32 -16.78 2.30 0.27
CA LYS B 32 -17.08 3.30 1.27
C LYS B 32 -16.36 4.58 0.91
N SER B 33 -17.07 5.46 0.23
CA SER B 33 -16.52 6.73 -0.19
C SER B 33 -17.51 7.84 0.12
N PHE B 34 -16.99 9.05 0.28
CA PHE B 34 -17.85 10.17 0.62
C PHE B 34 -17.07 11.44 0.35
N PRO B 35 -17.80 12.53 0.16
CA PRO B 35 -17.11 13.82 0.05
C PRO B 35 -16.30 14.06 1.32
N ILE B 36 -15.05 14.48 1.18
CA ILE B 36 -14.26 14.81 2.36
C ILE B 36 -14.93 15.92 3.16
N HIS B 37 -15.72 16.76 2.49
CA HIS B 37 -16.47 17.78 3.23
C HIS B 37 -17.37 17.18 4.32
N ASP B 38 -17.77 15.91 4.18
CA ASP B 38 -18.61 15.29 5.22
C ASP B 38 -17.85 15.21 6.53
N VAL B 39 -16.54 15.10 6.46
CA VAL B 39 -15.72 14.91 7.66
C VAL B 39 -15.73 16.16 8.55
N PHE B 40 -15.72 17.35 7.93
CA PHE B 40 -15.58 18.58 8.71
C PHE B 40 -16.79 19.51 8.63
N ARG B 41 -17.87 19.03 8.03
CA ARG B 41 -19.04 19.88 7.83
C ARG B 41 -19.55 20.32 9.19
N GLY B 42 -19.66 21.62 9.39
CA GLY B 42 -20.29 22.15 10.59
C GLY B 42 -19.48 21.97 11.85
N ARG B 43 -18.20 21.62 11.73
CA ARG B 43 -17.37 21.42 12.90
C ARG B 43 -15.90 21.75 12.74
N LYS B 44 -15.19 21.76 13.86
CA LYS B 44 -13.77 22.00 13.88
C LYS B 44 -13.03 20.68 13.87
N GLY B 45 -11.89 20.67 13.19
CA GLY B 45 -11.06 19.49 13.20
C GLY B 45 -9.67 19.72 12.69
N ILE B 46 -8.92 18.63 12.68
CA ILE B 46 -7.55 18.61 12.24
C ILE B 46 -7.43 17.65 11.05
N LEU B 47 -6.75 18.10 9.99
CA LEU B 47 -6.42 17.24 8.86
C LEU B 47 -4.92 17.27 8.65
N PHE B 48 -4.29 16.11 8.70
CA PHE B 48 -2.89 16.03 8.42
C PHE B 48 -2.60 14.90 7.47
N SER B 49 -1.52 15.05 6.71
CA SER B 49 -1.16 14.04 5.71
C SER B 49 0.07 13.26 6.09
N VAL B 50 0.17 12.07 5.50
CA VAL B 50 1.41 11.33 5.48
C VAL B 50 1.73 10.99 4.04
N VAL B 51 2.98 10.68 3.79
CA VAL B 51 3.44 10.34 2.43
C VAL B 51 2.84 8.98 2.01
N GLY B 52 2.70 8.08 2.97
CA GLY B 52 2.00 6.85 2.70
C GLY B 52 1.95 5.98 3.92
N ALA B 53 0.97 5.09 3.95
CA ALA B 53 0.91 4.04 4.94
C ALA B 53 2.22 3.27 4.92
N PHE B 54 2.80 3.05 6.10
CA PHE B 54 4.02 2.24 6.26
C PHE B 54 5.29 2.93 5.74
N VAL B 55 5.18 4.14 5.23
CA VAL B 55 6.37 4.85 4.77
C VAL B 55 7.11 5.41 5.98
N PRO B 56 8.44 5.22 6.06
CA PRO B 56 9.15 5.78 7.21
C PRO B 56 8.86 7.26 7.40
N GLY B 57 8.54 7.63 8.63
CA GLY B 57 8.10 8.99 8.96
C GLY B 57 6.61 9.10 9.19
N SER B 58 5.84 8.17 8.62
CA SER B 58 4.38 8.24 8.69
C SER B 58 3.83 8.05 10.10
N ASN B 59 4.62 7.47 10.99
CA ASN B 59 4.25 7.34 12.38
C ASN B 59 5.07 8.24 13.32
N ASN B 60 5.68 9.30 12.78
CA ASN B 60 6.45 10.20 13.61
C ASN B 60 5.60 11.05 14.51
N HIS B 61 4.39 11.36 14.06
CA HIS B 61 3.56 12.35 14.77
C HIS B 61 2.27 11.80 15.33
N ILE B 62 1.76 10.72 14.76
CA ILE B 62 0.58 10.09 15.32
C ILE B 62 0.65 9.86 16.85
N PRO B 63 1.79 9.35 17.36
CA PRO B 63 1.87 9.17 18.82
C PRO B 63 1.67 10.51 19.57
N GLU B 64 2.14 11.60 19.00
CA GLU B 64 1.95 12.94 19.59
C GLU B 64 0.50 13.39 19.55
N TYR B 65 -0.16 13.17 18.41
CA TYR B 65 -1.58 13.52 18.29
C TYR B 65 -2.39 12.69 19.29
N LEU B 66 -2.06 11.40 19.42
CA LEU B 66 -2.82 10.55 20.32
C LEU B 66 -2.57 10.96 21.77
N SER B 67 -1.36 11.38 22.10
CA SER B 67 -1.07 11.80 23.47
C SER B 67 -1.85 13.07 23.81
N LEU B 68 -2.08 13.93 22.82
CA LEU B 68 -2.76 15.22 23.04
C LEU B 68 -4.24 15.18 22.70
N TYR B 69 -4.76 13.98 22.40
CA TYR B 69 -6.11 13.85 21.92
C TYR B 69 -7.14 14.46 22.88
N ASP B 70 -7.04 14.17 24.17
CA ASP B 70 -8.00 14.70 25.13
C ASP B 70 -7.90 16.22 25.23
N LYS B 71 -6.70 16.75 25.08
CA LYS B 71 -6.54 18.18 25.06
C LYS B 71 -7.17 18.81 23.82
N PHE B 72 -7.00 18.18 22.66
CA PHE B 72 -7.65 18.69 21.44
C PHE B 72 -9.18 18.72 21.66
N LYS B 73 -9.72 17.67 22.26
CA LYS B 73 -11.15 17.58 22.51
C LYS B 73 -11.63 18.69 23.45
N GLU B 74 -10.84 19.01 24.47
CA GLU B 74 -11.17 20.10 25.39
C GLU B 74 -11.29 21.42 24.64
N GLU B 75 -10.48 21.57 23.60
CA GLU B 75 -10.48 22.74 22.75
C GLU B 75 -11.58 22.72 21.67
N GLY B 76 -12.33 21.63 21.59
CA GLY B 76 -13.42 21.49 20.62
C GLY B 76 -13.01 20.87 19.29
N TYR B 77 -11.77 20.42 19.21
CA TYR B 77 -11.26 19.77 18.00
C TYR B 77 -11.32 18.27 18.13
N HIS B 78 -12.51 17.73 17.97
CA HIS B 78 -12.73 16.30 18.21
C HIS B 78 -12.39 15.45 16.99
N THR B 79 -12.50 16.05 15.81
CA THR B 79 -12.36 15.34 14.56
C THR B 79 -10.93 15.51 14.09
N ILE B 80 -10.22 14.39 14.06
CA ILE B 80 -8.84 14.36 13.61
C ILE B 80 -8.75 13.30 12.52
N ALA B 81 -8.21 13.71 11.38
CA ALA B 81 -8.14 12.82 10.20
C ALA B 81 -6.74 12.85 9.63
N CYS B 82 -6.26 11.66 9.28
CA CYS B 82 -5.02 11.45 8.56
C CYS B 82 -5.37 11.06 7.14
N ILE B 83 -4.76 11.71 6.16
CA ILE B 83 -5.01 11.43 4.76
C ILE B 83 -3.70 11.01 4.05
N ALA B 84 -3.82 10.04 3.18
CA ALA B 84 -2.69 9.58 2.36
C ALA B 84 -3.18 9.11 1.02
N VAL B 85 -2.28 9.14 0.03
CA VAL B 85 -2.57 8.57 -1.28
C VAL B 85 -2.21 7.08 -1.21
N ASN B 86 -3.23 6.29 -0.86
CA ASN B 86 -3.17 4.84 -0.70
C ASN B 86 -4.57 4.31 -0.99
N ASP B 87 -4.68 3.03 -1.32
CA ASP B 87 -5.96 2.33 -1.37
C ASP B 87 -6.48 2.14 0.08
N PRO B 88 -7.80 2.03 0.23
CA PRO B 88 -8.34 2.03 1.59
C PRO B 88 -8.05 0.76 2.37
N PHE B 89 -7.80 -0.36 1.71
CA PHE B 89 -7.47 -1.55 2.46
C PHE B 89 -6.13 -1.36 3.19
N VAL B 90 -5.16 -0.84 2.45
CA VAL B 90 -3.85 -0.59 3.04
C VAL B 90 -3.96 0.50 4.11
N MET B 91 -4.69 1.57 3.82
CA MET B 91 -4.81 2.67 4.77
C MET B 91 -5.43 2.21 6.09
N ALA B 92 -6.50 1.42 6.01
CA ALA B 92 -7.20 0.97 7.20
C ALA B 92 -6.32 0.01 8.01
N ALA B 93 -5.59 -0.87 7.33
CA ALA B 93 -4.76 -1.85 8.03
C ALA B 93 -3.65 -1.10 8.75
N TRP B 94 -3.05 -0.14 8.06
CA TRP B 94 -2.02 0.68 8.65
C TRP B 94 -2.55 1.43 9.87
N GLY B 95 -3.72 2.03 9.70
CA GLY B 95 -4.33 2.80 10.78
C GLY B 95 -4.47 1.97 12.03
N LYS B 96 -4.88 0.72 11.90
CA LYS B 96 -5.04 -0.15 13.05
C LYS B 96 -3.71 -0.40 13.76
N THR B 97 -2.59 -0.40 13.02
CA THR B 97 -1.30 -0.62 13.67
C THR B 97 -0.78 0.61 14.41
N VAL B 98 -1.13 1.81 13.95
CA VAL B 98 -0.60 3.01 14.59
C VAL B 98 -1.60 3.65 15.55
N ASP B 99 -2.87 3.27 15.44
CA ASP B 99 -3.94 3.90 16.21
C ASP B 99 -5.00 2.82 16.50
N PRO B 100 -4.66 1.84 17.35
CA PRO B 100 -5.56 0.71 17.55
C PRO B 100 -6.92 1.09 18.15
N GLU B 101 -7.00 2.21 18.86
CA GLU B 101 -8.28 2.66 19.43
C GLU B 101 -9.14 3.41 18.42
N HIS B 102 -8.59 3.64 17.24
CA HIS B 102 -9.33 4.29 16.16
C HIS B 102 -9.80 5.71 16.54
N LYS B 103 -8.90 6.48 17.14
CA LYS B 103 -9.20 7.86 17.49
C LYS B 103 -9.14 8.78 16.27
N ILE B 104 -8.41 8.35 15.23
CA ILE B 104 -8.15 9.17 14.06
C ILE B 104 -8.81 8.56 12.83
N ARG B 105 -9.52 9.38 12.05
CA ARG B 105 -10.10 8.90 10.82
C ARG B 105 -8.98 8.71 9.79
N MET B 106 -8.97 7.56 9.13
CA MET B 106 -7.94 7.23 8.17
C MET B 106 -8.52 7.33 6.76
N LEU B 107 -8.20 8.42 6.09
CA LEU B 107 -8.79 8.75 4.80
C LEU B 107 -7.82 8.41 3.68
N ALA B 108 -8.33 7.64 2.73
CA ALA B 108 -7.54 7.17 1.60
C ALA B 108 -7.88 8.01 0.37
N ASP B 109 -6.95 8.88 -0.01
CA ASP B 109 -7.10 9.71 -1.21
C ASP B 109 -6.58 8.87 -2.38
N MET B 110 -7.31 7.82 -2.70
CA MET B 110 -6.74 6.71 -3.46
C MET B 110 -6.27 7.09 -4.85
N HIS B 111 -6.99 8.01 -5.49
CA HIS B 111 -6.63 8.48 -6.82
C HIS B 111 -5.75 9.71 -6.79
N GLY B 112 -5.42 10.18 -5.61
CA GLY B 112 -4.69 11.43 -5.44
C GLY B 112 -5.49 12.68 -5.83
N GLU B 113 -6.81 12.56 -5.93
CA GLU B 113 -7.63 13.67 -6.38
C GLU B 113 -7.64 14.84 -5.39
N PHE B 114 -7.73 14.56 -4.10
CA PHE B 114 -7.73 15.63 -3.10
C PHE B 114 -6.37 16.32 -3.06
N THR B 115 -5.32 15.50 -3.05
CA THR B 115 -3.95 15.98 -3.03
C THR B 115 -3.63 16.89 -4.23
N ARG B 116 -4.04 16.47 -5.42
CA ARG B 116 -3.79 17.31 -6.59
C ARG B 116 -4.58 18.63 -6.52
N ALA B 117 -5.82 18.56 -6.06
CA ALA B 117 -6.67 19.75 -5.97
C ALA B 117 -6.15 20.73 -4.94
N LEU B 118 -5.56 20.20 -3.87
CA LEU B 118 -5.03 21.04 -2.81
C LEU B 118 -3.67 21.62 -3.20
N GLY B 119 -3.01 21.02 -4.20
CA GLY B 119 -1.72 21.51 -4.68
C GLY B 119 -0.54 20.94 -3.91
N THR B 120 -0.75 19.81 -3.26
CA THR B 120 0.24 19.22 -2.35
C THR B 120 0.87 17.94 -2.90
N GLU B 121 0.82 17.76 -4.20
CA GLU B 121 1.41 16.56 -4.77
C GLU B 121 2.94 16.62 -4.70
N LEU B 122 3.51 15.48 -4.34
CA LEU B 122 4.96 15.23 -4.30
C LEU B 122 5.35 14.57 -5.60
N ASP B 123 6.53 14.89 -6.10
CA ASP B 123 7.11 14.20 -7.26
C ASP B 123 7.82 12.93 -6.78
N SER B 124 7.05 11.89 -6.50
CA SER B 124 7.56 10.71 -5.80
C SER B 124 7.42 9.43 -6.61
N SER B 125 7.08 9.54 -7.90
CA SER B 125 6.81 8.36 -8.71
C SER B 125 7.99 7.40 -8.78
N LYS B 126 9.21 7.93 -8.83
CA LYS B 126 10.36 7.05 -8.92
C LYS B 126 10.61 6.27 -7.62
N MET B 127 10.33 6.88 -6.48
CA MET B 127 10.54 6.27 -5.17
C MET B 127 9.37 5.35 -4.77
N LEU B 128 8.14 5.72 -5.14
CA LEU B 128 6.97 5.04 -4.60
C LEU B 128 5.94 4.62 -5.63
N GLY B 129 6.24 4.80 -6.91
CA GLY B 129 5.39 4.32 -7.97
C GLY B 129 4.38 5.30 -8.51
N ASN B 130 3.99 6.23 -7.65
CA ASN B 130 3.03 7.29 -7.99
C ASN B 130 3.32 8.54 -7.17
N ASN B 131 2.55 9.59 -7.41
CA ASN B 131 2.73 10.84 -6.70
C ASN B 131 1.89 10.85 -5.42
N ARG B 132 2.58 11.06 -4.31
CA ARG B 132 1.99 11.04 -2.99
C ARG B 132 1.78 12.49 -2.54
N SER B 133 1.33 12.66 -1.31
CA SER B 133 1.14 13.99 -0.75
C SER B 133 2.37 14.44 0.02
N ARG B 134 2.70 15.71 -0.11
CA ARG B 134 3.54 16.38 0.86
C ARG B 134 2.90 16.34 2.25
N ARG B 135 3.74 16.45 3.27
CA ARG B 135 3.30 16.52 4.64
C ARG B 135 2.83 17.92 5.06
N TYR B 136 1.62 17.97 5.60
CA TYR B 136 1.06 19.19 6.17
C TYR B 136 0.14 18.83 7.30
N ALA B 137 -0.24 19.87 8.05
CA ALA B 137 -1.29 19.78 9.04
C ALA B 137 -2.11 21.05 8.96
N MET B 138 -3.42 20.90 8.97
CA MET B 138 -4.33 22.04 8.90
C MET B 138 -5.38 21.95 9.97
N LEU B 139 -5.77 23.12 10.46
CA LEU B 139 -6.99 23.26 11.25
C LEU B 139 -8.11 23.64 10.30
N ILE B 140 -9.25 22.98 10.44
CA ILE B 140 -10.40 23.14 9.57
C ILE B 140 -11.57 23.52 10.46
N ASP B 141 -12.43 24.40 9.95
CA ASP B 141 -13.68 24.76 10.61
C ASP B 141 -14.74 24.80 9.50
N ASP B 142 -15.64 23.82 9.50
CA ASP B 142 -16.70 23.77 8.50
C ASP B 142 -16.11 23.84 7.08
N ASN B 143 -15.05 23.07 6.89
CA ASN B 143 -14.35 22.89 5.61
C ASN B 143 -13.53 24.09 5.12
N LYS B 144 -13.44 25.10 5.97
CA LYS B 144 -12.58 26.24 5.71
C LYS B 144 -11.28 26.07 6.47
N ILE B 145 -10.16 26.41 5.82
CA ILE B 145 -8.84 26.29 6.43
C ILE B 145 -8.60 27.44 7.40
N ARG B 146 -8.29 27.13 8.65
CA ARG B 146 -8.02 28.18 9.64
C ARG B 146 -6.53 28.31 9.97
N SER B 147 -5.78 27.28 9.65
CA SER B 147 -4.34 27.26 9.86
C SER B 147 -3.74 26.22 8.92
N VAL B 148 -2.55 26.49 8.41
CA VAL B 148 -1.79 25.52 7.63
C VAL B 148 -0.33 25.52 8.05
N SER B 149 0.20 24.32 8.27
CA SER B 149 1.60 24.14 8.66
C SER B 149 2.23 23.05 7.82
N THR B 150 3.50 23.23 7.50
CA THR B 150 4.29 22.22 6.79
C THR B 150 5.53 21.91 7.61
N GLU B 151 6.35 20.98 7.12
CA GLU B 151 7.53 20.52 7.85
C GLU B 151 8.39 21.72 8.24
N PRO B 152 8.95 21.70 9.45
CA PRO B 152 8.91 20.64 10.48
C PRO B 152 7.77 20.84 11.48
N ASP B 153 6.93 21.84 11.24
CA ASP B 153 5.92 22.26 12.19
C ASP B 153 4.65 21.43 12.11
N ILE B 154 4.80 20.11 12.16
CA ILE B 154 3.70 19.17 11.96
C ILE B 154 3.63 18.17 13.09
N THR B 155 4.14 18.59 14.25
CA THR B 155 4.05 17.79 15.48
C THR B 155 2.66 17.96 16.14
N GLY B 156 2.36 17.09 17.10
CA GLY B 156 1.17 17.25 17.91
C GLY B 156 1.16 18.59 18.62
N LEU B 157 2.30 18.95 19.19
CA LEU B 157 2.41 20.19 19.93
C LEU B 157 2.13 21.39 19.02
N ALA B 158 2.69 21.38 17.81
CA ALA B 158 2.47 22.50 16.90
C ALA B 158 0.98 22.65 16.65
N CYS B 159 0.30 21.52 16.52
CA CYS B 159 -1.13 21.57 16.29
C CYS B 159 -1.86 22.19 17.49
N LEU B 160 -1.50 21.78 18.68
CA LEU B 160 -2.12 22.35 19.86
C LEU B 160 -1.89 23.86 19.94
N LEU B 161 -0.67 24.30 19.68
CA LEU B 161 -0.38 25.71 19.73
C LEU B 161 -1.18 26.46 18.65
N SER B 162 -1.32 25.88 17.45
CA SER B 162 -2.17 26.53 16.44
C SER B 162 -3.60 26.68 16.92
N ILE B 163 -4.13 25.64 17.56
CA ILE B 163 -5.48 25.68 18.07
C ILE B 163 -5.63 26.82 19.07
N GLN B 164 -4.65 26.96 19.94
CA GLN B 164 -4.79 27.95 21.02
C GLN B 164 -4.56 29.37 20.52
N ARG B 165 -3.98 29.51 19.33
CA ARG B 165 -3.86 30.83 18.72
C ARG B 165 -5.16 31.30 18.07
N GLN B 166 -6.09 30.36 17.87
CA GLN B 166 -7.38 30.73 17.27
C GLN B 166 -8.17 31.63 18.23
#